data_5G4L
#
_entry.id   5G4L
#
_cell.length_a   88.686
_cell.length_b   123.083
_cell.length_c   55.477
_cell.angle_alpha   90.00
_cell.angle_beta   90.00
_cell.angle_gamma   90.00
#
_symmetry.space_group_name_H-M   'P 21 21 2'
#
loop_
_entity.id
_entity.type
_entity.pdbx_description
1 polymer 'OXIDOREDUCTASE, SHORT CHAIN DEHYDROGENASE/REDUCTASE FAMILY PROTEIN'
2 non-polymer 'NADPH DIHYDRO-NICOTINAMIDE-ADENINE-DINUCLEOTIDE PHOSPHATE'
3 water water
#
_entity_poly.entity_id   1
_entity_poly.type   'polypeptide(L)'
_entity_poly.pdbx_seq_one_letter_code
;MGHHHHHHHHHHSSGHIDDDKHMVNVKKEFVDNMFSVKGKVALVTGATGALGCVLSKAYGYAGAKVFMTGRNEKKLQALE
AEFKAEGIDCAYGVADPADEAQVDAMITACVAQYGEVNILAVTHGFNKPQNILEQSVADWQYIMDADCKSVYVVCKYVAQ
QMVDQGKGGKIVVVTSQRSKRGMAGYTGYCTSKGGADLMVSSMACDLSAKYGINVNSICPTVFRSDLTEWMFDPESAVYQ
NFLKREPIGRLAEPEDFVGYALFLSSDASNYITGANCDCSGGYLTC
;
_entity_poly.pdbx_strand_id   A,B
#
# COMPACT_ATOMS: atom_id res chain seq x y z
N HIS A 22 -27.65 -13.97 1.75
CA HIS A 22 -27.40 -13.33 3.05
C HIS A 22 -25.93 -13.49 3.48
N MET A 23 -25.14 -14.29 2.73
CA MET A 23 -23.74 -14.55 3.05
C MET A 23 -22.86 -13.32 2.82
N VAL A 24 -21.78 -13.17 3.62
CA VAL A 24 -20.83 -12.07 3.47
C VAL A 24 -20.23 -12.19 2.04
N ASN A 25 -20.09 -11.04 1.34
CA ASN A 25 -19.55 -11.02 -0.02
C ASN A 25 -18.01 -11.01 -0.08
N VAL A 26 -17.41 -12.15 0.26
CA VAL A 26 -15.98 -12.38 0.14
C VAL A 26 -15.81 -13.88 -0.01
N LYS A 27 -14.92 -14.30 -0.93
CA LYS A 27 -14.73 -15.73 -1.21
C LYS A 27 -13.44 -16.25 -0.60
N LYS A 28 -13.52 -17.43 0.02
CA LYS A 28 -12.33 -18.06 0.63
C LYS A 28 -11.26 -18.32 -0.45
N GLU A 29 -11.67 -18.81 -1.64
CA GLU A 29 -10.69 -19.06 -2.73
C GLU A 29 -9.95 -17.76 -3.10
N PHE A 30 -10.65 -16.62 -3.11
CA PHE A 30 -10.00 -15.34 -3.41
C PHE A 30 -8.96 -15.01 -2.34
N VAL A 31 -9.37 -15.01 -1.06
CA VAL A 31 -8.48 -14.70 0.07
C VAL A 31 -7.25 -15.61 0.09
N ASP A 32 -7.45 -16.92 -0.11
CA ASP A 32 -6.34 -17.88 -0.08
C ASP A 32 -5.29 -17.64 -1.14
N ASN A 33 -5.69 -17.12 -2.31
CA ASN A 33 -4.80 -16.99 -3.46
C ASN A 33 -4.47 -15.56 -3.89
N MET A 34 -5.03 -14.56 -3.21
CA MET A 34 -4.91 -13.16 -3.68
C MET A 34 -3.50 -12.62 -3.78
N PHE A 35 -2.55 -13.08 -2.94
CA PHE A 35 -1.18 -12.57 -3.02
C PHE A 35 -0.27 -13.34 -3.98
N SER A 36 -0.82 -14.32 -4.69
CA SER A 36 -0.03 -15.17 -5.57
C SER A 36 0.51 -14.51 -6.81
N VAL A 37 1.78 -14.84 -7.12
CA VAL A 37 2.41 -14.44 -8.39
C VAL A 37 2.90 -15.71 -9.10
N LYS A 38 2.48 -16.88 -8.61
CA LYS A 38 2.91 -18.16 -9.16
C LYS A 38 2.54 -18.29 -10.64
N GLY A 39 3.52 -18.64 -11.47
CA GLY A 39 3.37 -18.84 -12.91
C GLY A 39 3.30 -17.57 -13.73
N LYS A 40 3.33 -16.39 -13.08
CA LYS A 40 3.31 -15.11 -13.77
C LYS A 40 4.73 -14.79 -14.27
N VAL A 41 4.84 -14.04 -15.36
CA VAL A 41 6.14 -13.65 -15.87
C VAL A 41 6.42 -12.25 -15.36
N ALA A 42 7.46 -12.11 -14.54
CA ALA A 42 7.83 -10.82 -13.97
C ALA A 42 9.09 -10.29 -14.63
N LEU A 43 9.00 -9.13 -15.28
CA LEU A 43 10.13 -8.49 -15.93
C LEU A 43 10.63 -7.42 -14.96
N VAL A 44 11.89 -7.55 -14.53
CA VAL A 44 12.49 -6.63 -13.54
C VAL A 44 13.61 -5.82 -14.18
N THR A 45 13.47 -4.46 -14.24
CA THR A 45 14.54 -3.61 -14.74
C THR A 45 15.44 -3.25 -13.54
N GLY A 46 16.70 -2.92 -13.82
CA GLY A 46 17.67 -2.63 -12.78
C GLY A 46 17.86 -3.84 -11.87
N ALA A 47 17.67 -5.06 -12.45
CA ALA A 47 17.75 -6.33 -11.72
C ALA A 47 19.09 -6.56 -11.01
N THR A 48 20.17 -5.90 -11.46
CA THR A 48 21.50 -6.05 -10.86
C THR A 48 21.68 -5.17 -9.63
N GLY A 49 20.75 -4.23 -9.41
CA GLY A 49 20.83 -3.26 -8.32
C GLY A 49 20.48 -3.83 -6.97
N ALA A 50 20.65 -3.02 -5.92
CA ALA A 50 20.37 -3.46 -4.55
C ALA A 50 18.92 -3.92 -4.37
N LEU A 51 17.97 -3.12 -4.86
CA LEU A 51 16.57 -3.52 -4.78
C LEU A 51 16.20 -4.51 -5.88
N GLY A 52 16.69 -4.26 -7.10
CA GLY A 52 16.39 -5.13 -8.23
C GLY A 52 16.71 -6.59 -8.00
N CYS A 53 17.88 -6.89 -7.41
CA CYS A 53 18.26 -8.31 -7.24
C CYS A 53 17.40 -9.01 -6.19
N VAL A 54 17.02 -8.25 -5.16
CA VAL A 54 16.17 -8.72 -4.05
C VAL A 54 14.74 -8.97 -4.58
N LEU A 55 14.20 -7.98 -5.32
CA LEU A 55 12.87 -8.15 -5.89
C LEU A 55 12.85 -9.33 -6.89
N SER A 56 13.88 -9.41 -7.76
CA SER A 56 13.96 -10.49 -8.76
C SER A 56 13.94 -11.87 -8.04
N LYS A 57 14.77 -12.04 -6.99
CA LYS A 57 14.78 -13.33 -6.25
C LYS A 57 13.48 -13.58 -5.49
N ALA A 58 12.85 -12.53 -4.95
CA ALA A 58 11.58 -12.66 -4.23
C ALA A 58 10.47 -13.14 -5.19
N TYR A 59 10.39 -12.56 -6.42
CA TYR A 59 9.42 -13.01 -7.44
C TYR A 59 9.67 -14.51 -7.74
N GLY A 60 10.94 -14.89 -7.88
CA GLY A 60 11.34 -16.27 -8.15
C GLY A 60 10.94 -17.22 -7.04
N TYR A 61 11.25 -16.85 -5.79
CA TYR A 61 10.88 -17.62 -4.59
C TYR A 61 9.33 -17.76 -4.48
N ALA A 62 8.59 -16.75 -4.93
CA ALA A 62 7.13 -16.77 -4.93
C ALA A 62 6.54 -17.53 -6.16
N GLY A 63 7.40 -18.11 -7.01
CA GLY A 63 6.98 -18.94 -8.13
C GLY A 63 6.75 -18.28 -9.46
N ALA A 64 7.16 -17.01 -9.60
CA ALA A 64 7.04 -16.33 -10.88
C ALA A 64 8.24 -16.76 -11.77
N LYS A 65 8.08 -16.62 -13.08
CA LYS A 65 9.14 -16.78 -14.07
C LYS A 65 9.78 -15.38 -14.11
N VAL A 66 11.09 -15.28 -13.89
CA VAL A 66 11.69 -13.94 -13.77
C VAL A 66 12.56 -13.60 -14.96
N PHE A 67 12.27 -12.49 -15.62
CA PHE A 67 13.11 -12.03 -16.72
C PHE A 67 13.81 -10.76 -16.24
N MET A 68 15.12 -10.88 -15.98
CA MET A 68 15.90 -9.77 -15.44
C MET A 68 16.54 -8.95 -16.55
N THR A 69 16.56 -7.62 -16.39
CA THR A 69 17.21 -6.78 -17.40
C THR A 69 18.07 -5.71 -16.74
N GLY A 70 19.06 -5.26 -17.48
CA GLY A 70 20.00 -4.25 -17.04
C GLY A 70 21.11 -4.11 -18.06
N ARG A 71 22.03 -3.19 -17.84
CA ARG A 71 23.17 -3.01 -18.77
C ARG A 71 24.34 -3.91 -18.41
N ASN A 72 24.41 -4.33 -17.13
CA ASN A 72 25.54 -5.12 -16.63
C ASN A 72 25.35 -6.63 -16.85
N GLU A 73 25.89 -7.15 -17.98
CA GLU A 73 25.73 -8.55 -18.31
C GLU A 73 26.36 -9.51 -17.28
N LYS A 74 27.56 -9.18 -16.78
CA LYS A 74 28.28 -10.01 -15.79
C LYS A 74 27.43 -10.23 -14.54
N LYS A 75 26.83 -9.14 -14.04
CA LYS A 75 25.99 -9.21 -12.86
C LYS A 75 24.69 -9.98 -13.13
N LEU A 76 24.10 -9.81 -14.33
CA LEU A 76 22.87 -10.55 -14.71
C LEU A 76 23.16 -12.05 -14.78
N GLN A 77 24.31 -12.42 -15.36
CA GLN A 77 24.72 -13.83 -15.45
C GLN A 77 24.91 -14.46 -14.07
N ALA A 78 25.54 -13.71 -13.13
CA ALA A 78 25.77 -14.19 -11.76
C ALA A 78 24.43 -14.43 -11.04
N LEU A 79 23.46 -13.52 -11.23
CA LEU A 79 22.13 -13.68 -10.62
C LEU A 79 21.41 -14.88 -11.23
N GLU A 80 21.49 -15.02 -12.55
CA GLU A 80 20.83 -16.15 -13.21
C GLU A 80 21.36 -17.49 -12.69
N ALA A 81 22.68 -17.62 -12.51
CA ALA A 81 23.30 -18.84 -11.99
C ALA A 81 22.88 -19.08 -10.53
N GLU A 82 22.90 -18.04 -9.70
CA GLU A 82 22.49 -18.17 -8.29
C GLU A 82 21.02 -18.64 -8.21
N PHE A 83 20.14 -18.01 -8.98
CA PHE A 83 18.70 -18.32 -8.95
C PHE A 83 18.38 -19.72 -9.47
N LYS A 84 18.99 -20.11 -10.62
CA LYS A 84 18.78 -21.43 -11.21
C LYS A 84 19.22 -22.55 -10.26
N ALA A 85 20.28 -22.32 -9.45
CA ALA A 85 20.78 -23.28 -8.46
C ALA A 85 19.74 -23.54 -7.36
N GLU A 86 18.75 -22.64 -7.22
CA GLU A 86 17.66 -22.76 -6.26
C GLU A 86 16.32 -23.07 -6.93
N GLY A 87 16.37 -23.54 -8.16
CA GLY A 87 15.19 -23.96 -8.91
C GLY A 87 14.29 -22.84 -9.39
N ILE A 88 14.81 -21.62 -9.43
CA ILE A 88 14.03 -20.48 -9.95
C ILE A 88 14.12 -20.51 -11.47
N ASP A 89 12.97 -20.37 -12.16
CA ASP A 89 12.96 -20.28 -13.61
C ASP A 89 13.19 -18.79 -13.94
N CYS A 90 14.36 -18.49 -14.52
CA CYS A 90 14.72 -17.11 -14.83
C CYS A 90 15.56 -17.02 -16.09
N ALA A 91 15.68 -15.80 -16.60
CA ALA A 91 16.48 -15.50 -17.80
C ALA A 91 16.83 -14.03 -17.72
N TYR A 92 17.71 -13.57 -18.63
CA TYR A 92 18.06 -12.16 -18.66
C TYR A 92 18.17 -11.66 -20.09
N GLY A 93 18.08 -10.35 -20.23
CA GLY A 93 18.26 -9.64 -21.49
C GLY A 93 19.00 -8.36 -21.17
N VAL A 94 20.10 -8.09 -21.90
CA VAL A 94 20.89 -6.86 -21.69
C VAL A 94 20.25 -5.72 -22.48
N ALA A 95 20.07 -4.56 -21.82
CA ALA A 95 19.50 -3.37 -22.46
C ALA A 95 19.70 -2.14 -21.60
N ASP A 96 19.91 -1.00 -22.25
CA ASP A 96 19.94 0.31 -21.57
C ASP A 96 18.45 0.72 -21.58
N PRO A 97 17.80 0.89 -20.40
CA PRO A 97 16.34 1.17 -20.40
C PRO A 97 15.94 2.50 -21.03
N ALA A 98 16.91 3.39 -21.26
CA ALA A 98 16.64 4.68 -21.91
C ALA A 98 16.64 4.53 -23.44
N ASP A 99 17.06 3.37 -23.97
CA ASP A 99 17.18 3.20 -25.41
C ASP A 99 16.02 2.38 -25.90
N GLU A 100 15.08 3.01 -26.65
CA GLU A 100 13.87 2.29 -27.06
C GLU A 100 14.12 1.09 -27.96
N ALA A 101 15.16 1.14 -28.86
CA ALA A 101 15.43 -0.03 -29.70
C ALA A 101 15.91 -1.21 -28.84
N GLN A 102 16.73 -0.95 -27.81
CA GLN A 102 17.23 -2.01 -26.93
C GLN A 102 16.10 -2.57 -26.05
N VAL A 103 15.23 -1.68 -25.54
CA VAL A 103 14.08 -2.10 -24.72
C VAL A 103 13.13 -2.96 -25.55
N ASP A 104 12.80 -2.52 -26.79
CA ASP A 104 11.90 -3.24 -27.69
C ASP A 104 12.44 -4.66 -27.93
N ALA A 105 13.75 -4.79 -28.25
CA ALA A 105 14.39 -6.09 -28.50
C ALA A 105 14.43 -6.97 -27.25
N MET A 106 14.62 -6.34 -26.09
CA MET A 106 14.64 -7.06 -24.79
C MET A 106 13.26 -7.67 -24.48
N ILE A 107 12.17 -6.92 -24.73
CA ILE A 107 10.81 -7.42 -24.50
C ILE A 107 10.52 -8.57 -25.47
N THR A 108 10.97 -8.45 -26.73
CA THR A 108 10.80 -9.52 -27.73
C THR A 108 11.47 -10.79 -27.21
N ALA A 109 12.66 -10.66 -26.60
CA ALA A 109 13.40 -11.83 -26.10
C ALA A 109 12.67 -12.43 -24.88
N CYS A 110 12.10 -11.58 -24.03
CA CYS A 110 11.33 -12.08 -22.89
C CYS A 110 10.12 -12.88 -23.40
N VAL A 111 9.40 -12.31 -24.39
CA VAL A 111 8.23 -12.94 -24.98
C VAL A 111 8.62 -14.26 -25.70
N ALA A 112 9.78 -14.34 -26.38
CA ALA A 112 10.25 -15.58 -27.02
C ALA A 112 10.56 -16.64 -25.95
N GLN A 113 11.12 -16.21 -24.81
CA GLN A 113 11.46 -17.11 -23.72
C GLN A 113 10.21 -17.62 -22.94
N TYR A 114 9.30 -16.70 -22.56
CA TYR A 114 8.18 -17.00 -21.66
C TYR A 114 6.78 -16.82 -22.22
N GLY A 115 6.67 -16.34 -23.44
CA GLY A 115 5.41 -16.17 -24.16
C GLY A 115 4.60 -14.91 -23.89
N GLU A 116 4.89 -14.22 -22.78
CA GLU A 116 4.14 -13.05 -22.33
C GLU A 116 4.87 -12.33 -21.21
N VAL A 117 4.38 -11.13 -20.86
CA VAL A 117 4.87 -10.35 -19.71
C VAL A 117 3.60 -10.05 -18.88
N ASN A 118 3.61 -10.37 -17.59
CA ASN A 118 2.44 -10.13 -16.75
C ASN A 118 2.66 -9.07 -15.70
N ILE A 119 3.91 -8.94 -15.24
CA ILE A 119 4.32 -8.01 -14.18
C ILE A 119 5.56 -7.30 -14.64
N LEU A 120 5.61 -6.00 -14.39
CA LEU A 120 6.80 -5.21 -14.66
C LEU A 120 7.17 -4.50 -13.36
N ALA A 121 8.44 -4.62 -12.94
CA ALA A 121 8.94 -3.89 -11.75
C ALA A 121 10.10 -3.04 -12.24
N VAL A 122 9.96 -1.73 -12.18
CA VAL A 122 10.99 -0.80 -12.68
C VAL A 122 11.85 -0.33 -11.52
N THR A 123 13.12 -0.81 -11.45
CA THR A 123 13.97 -0.50 -10.28
C THR A 123 15.28 0.18 -10.61
N HIS A 124 15.60 0.38 -11.88
CA HIS A 124 16.87 1.01 -12.25
C HIS A 124 16.81 2.49 -11.89
N GLY A 125 17.98 3.12 -11.82
CA GLY A 125 18.03 4.53 -11.50
C GLY A 125 19.44 5.07 -11.38
N PHE A 126 19.55 6.41 -11.32
CA PHE A 126 20.84 7.07 -11.23
C PHE A 126 20.69 8.40 -10.52
N ASN A 127 21.68 8.77 -9.75
CA ASN A 127 21.73 10.11 -9.16
C ASN A 127 23.15 10.59 -9.08
N LYS A 128 23.31 11.92 -9.19
CA LYS A 128 24.59 12.59 -9.01
C LYS A 128 24.24 13.97 -8.42
N PRO A 129 24.03 14.06 -7.08
CA PRO A 129 23.66 15.36 -6.49
C PRO A 129 24.65 16.49 -6.79
N GLN A 130 24.10 17.67 -7.09
CA GLN A 130 24.89 18.86 -7.41
C GLN A 130 23.95 20.03 -7.34
N ASN A 131 24.42 21.15 -6.73
CA ASN A 131 23.62 22.38 -6.63
C ASN A 131 23.37 22.90 -8.07
N ILE A 132 22.18 23.48 -8.31
CA ILE A 132 21.82 24.04 -9.62
C ILE A 132 22.90 24.97 -10.22
N LEU A 133 23.57 25.77 -9.38
CA LEU A 133 24.60 26.70 -9.85
C LEU A 133 25.81 25.99 -10.49
N GLU A 134 26.16 24.80 -9.99
CA GLU A 134 27.32 24.03 -10.46
C GLU A 134 26.95 22.91 -11.44
N GLN A 135 25.65 22.64 -11.56
CA GLN A 135 25.16 21.56 -12.41
C GLN A 135 24.78 22.06 -13.80
N SER A 136 25.51 21.61 -14.82
CA SER A 136 25.22 21.99 -16.19
C SER A 136 23.87 21.44 -16.64
N VAL A 137 23.30 22.06 -17.66
CA VAL A 137 22.04 21.56 -18.25
C VAL A 137 22.27 20.12 -18.73
N ALA A 138 23.43 19.81 -19.34
CA ALA A 138 23.75 18.44 -19.77
C ALA A 138 23.73 17.43 -18.59
N ASP A 139 24.26 17.83 -17.42
CA ASP A 139 24.27 16.94 -16.25
C ASP A 139 22.87 16.71 -15.69
N TRP A 140 22.02 17.76 -15.69
CA TRP A 140 20.63 17.62 -15.25
C TRP A 140 19.91 16.67 -16.22
N GLN A 141 20.13 16.87 -17.54
CA GLN A 141 19.54 16.02 -18.59
C GLN A 141 19.96 14.57 -18.48
N TYR A 142 21.21 14.33 -18.09
CA TYR A 142 21.74 12.98 -17.93
C TYR A 142 20.93 12.22 -16.88
N ILE A 143 20.60 12.88 -15.75
CA ILE A 143 19.77 12.29 -14.70
C ILE A 143 18.35 12.07 -15.27
N MET A 144 17.78 13.08 -15.94
CA MET A 144 16.43 12.95 -16.48
C MET A 144 16.33 11.78 -17.48
N ASP A 145 17.34 11.61 -18.33
CA ASP A 145 17.35 10.53 -19.32
C ASP A 145 17.43 9.17 -18.64
N ALA A 146 18.36 9.03 -17.70
CA ALA A 146 18.60 7.76 -17.01
C ALA A 146 17.52 7.37 -16.06
N ASP A 147 16.92 8.35 -15.39
CA ASP A 147 15.94 8.09 -14.36
CA ASP A 147 15.90 8.16 -14.35
C ASP A 147 14.47 8.32 -14.74
N CYS A 148 14.15 9.22 -15.67
CA CYS A 148 12.78 9.55 -16.01
C CYS A 148 12.38 9.07 -17.42
N LYS A 149 13.16 9.48 -18.43
CA LYS A 149 12.87 9.05 -19.82
C LYS A 149 12.81 7.51 -19.90
N SER A 150 13.75 6.83 -19.24
CA SER A 150 13.83 5.37 -19.24
C SER A 150 12.57 4.70 -18.65
N VAL A 151 11.90 5.37 -17.70
CA VAL A 151 10.65 4.89 -17.11
C VAL A 151 9.56 4.98 -18.16
N TYR A 152 9.48 6.11 -18.88
CA TYR A 152 8.51 6.22 -19.98
C TYR A 152 8.75 5.14 -21.04
N VAL A 153 10.01 4.92 -21.45
CA VAL A 153 10.34 3.93 -22.49
C VAL A 153 9.88 2.54 -22.08
N VAL A 154 10.34 2.09 -20.92
CA VAL A 154 10.02 0.74 -20.46
C VAL A 154 8.51 0.56 -20.26
N CYS A 155 7.85 1.51 -19.59
CA CYS A 155 6.41 1.40 -19.37
C CYS A 155 5.61 1.42 -20.65
N LYS A 156 5.96 2.30 -21.60
CA LYS A 156 5.24 2.36 -22.88
C LYS A 156 5.32 1.01 -23.62
N TYR A 157 6.54 0.47 -23.77
CA TYR A 157 6.75 -0.76 -24.55
C TYR A 157 6.14 -1.99 -23.86
N VAL A 158 6.27 -2.08 -22.51
CA VAL A 158 5.66 -3.21 -21.78
C VAL A 158 4.14 -3.07 -21.80
N ALA A 159 3.62 -1.84 -21.60
CA ALA A 159 2.16 -1.64 -21.63
C ALA A 159 1.63 -2.04 -22.99
N GLN A 160 2.35 -1.72 -24.09
CA GLN A 160 1.91 -2.12 -25.43
C GLN A 160 1.85 -3.65 -25.54
N GLN A 161 2.86 -4.32 -24.99
CA GLN A 161 2.89 -5.79 -24.99
C GLN A 161 1.70 -6.33 -24.19
N MET A 162 1.41 -5.74 -23.00
CA MET A 162 0.26 -6.19 -22.20
C MET A 162 -1.06 -5.96 -22.95
N VAL A 163 -1.18 -4.81 -23.65
CA VAL A 163 -2.38 -4.53 -24.47
C VAL A 163 -2.52 -5.61 -25.55
N ASP A 164 -1.42 -5.90 -26.27
CA ASP A 164 -1.42 -6.91 -27.34
C ASP A 164 -1.87 -8.29 -26.82
N GLN A 165 -1.51 -8.65 -25.57
CA GLN A 165 -1.89 -9.94 -24.96
C GLN A 165 -3.38 -10.01 -24.60
N GLY A 166 -3.92 -8.87 -24.18
CA GLY A 166 -5.33 -8.71 -23.81
C GLY A 166 -5.74 -9.37 -22.52
N LYS A 167 -4.80 -9.54 -21.58
CA LYS A 167 -5.02 -10.19 -20.28
C LYS A 167 -4.76 -9.23 -19.10
N GLY A 168 -4.61 -7.95 -19.38
CA GLY A 168 -4.28 -6.98 -18.33
C GLY A 168 -2.84 -7.14 -17.86
N GLY A 169 -2.53 -6.60 -16.69
CA GLY A 169 -1.17 -6.71 -16.17
C GLY A 169 -0.92 -5.78 -15.01
N LYS A 170 0.27 -5.89 -14.42
CA LYS A 170 0.68 -5.09 -13.26
C LYS A 170 1.98 -4.39 -13.55
N ILE A 171 2.03 -3.09 -13.27
CA ILE A 171 3.27 -2.31 -13.42
C ILE A 171 3.54 -1.64 -12.08
N VAL A 172 4.76 -1.83 -11.57
CA VAL A 172 5.22 -1.25 -10.31
C VAL A 172 6.47 -0.45 -10.62
N VAL A 173 6.40 0.87 -10.44
CA VAL A 173 7.55 1.73 -10.68
C VAL A 173 8.19 2.13 -9.34
N VAL A 174 9.49 1.92 -9.18
CA VAL A 174 10.14 2.33 -7.94
C VAL A 174 10.60 3.78 -8.12
N THR A 175 9.98 4.71 -7.41
CA THR A 175 10.39 6.10 -7.51
C THR A 175 11.27 6.40 -6.31
N SER A 176 10.77 7.20 -5.34
CA SER A 176 11.52 7.58 -4.13
C SER A 176 10.62 8.45 -3.27
N GLN A 177 10.90 8.56 -1.97
CA GLN A 177 10.18 9.55 -1.17
C GLN A 177 10.54 10.97 -1.70
N ARG A 178 11.68 11.09 -2.46
CA ARG A 178 12.11 12.35 -3.09
C ARG A 178 11.16 12.77 -4.23
N SER A 179 10.19 11.90 -4.59
CA SER A 179 9.18 12.27 -5.59
C SER A 179 8.20 13.30 -5.00
N LYS A 180 8.14 13.39 -3.64
CA LYS A 180 7.23 14.30 -2.96
C LYS A 180 7.93 15.35 -2.07
N ARG A 181 9.25 15.20 -1.85
CA ARG A 181 9.98 16.16 -1.00
C ARG A 181 11.26 16.54 -1.73
N GLY A 182 11.53 17.85 -1.85
CA GLY A 182 12.73 18.34 -2.49
C GLY A 182 13.94 18.12 -1.59
N MET A 183 15.15 18.37 -2.14
CA MET A 183 16.37 18.24 -1.32
C MET A 183 17.47 19.03 -2.00
N ALA A 184 18.37 19.63 -1.19
CA ALA A 184 19.52 20.37 -1.70
C ALA A 184 20.34 19.42 -2.60
N GLY A 185 20.72 19.91 -3.78
CA GLY A 185 21.50 19.17 -4.76
C GLY A 185 20.69 18.20 -5.62
N TYR A 186 19.37 18.12 -5.39
CA TYR A 186 18.55 17.14 -6.10
C TYR A 186 17.64 17.71 -7.19
N THR A 187 17.98 18.87 -7.79
CA THR A 187 17.14 19.35 -8.90
C THR A 187 16.99 18.32 -10.03
N GLY A 188 18.00 17.49 -10.27
CA GLY A 188 17.85 16.44 -11.29
C GLY A 188 16.95 15.30 -10.81
N TYR A 189 17.33 14.66 -9.69
CA TYR A 189 16.63 13.51 -9.12
C TYR A 189 15.20 13.80 -8.69
N CYS A 190 14.97 14.92 -8.02
CA CYS A 190 13.60 15.23 -7.57
C CYS A 190 12.70 15.53 -8.75
N THR A 191 13.21 16.19 -9.80
CA THR A 191 12.39 16.44 -10.98
C THR A 191 12.01 15.10 -11.62
N SER A 192 13.02 14.21 -11.76
CA SER A 192 12.79 12.90 -12.37
CA SER A 192 12.80 12.91 -12.38
C SER A 192 11.79 12.07 -11.59
N LYS A 193 11.97 11.98 -10.26
CA LYS A 193 11.09 11.19 -9.40
C LYS A 193 9.71 11.82 -9.22
N GLY A 194 9.66 13.15 -9.05
CA GLY A 194 8.40 13.87 -8.95
C GLY A 194 7.60 13.70 -10.22
N GLY A 195 8.29 13.78 -11.37
CA GLY A 195 7.68 13.55 -12.68
C GLY A 195 7.18 12.11 -12.86
N ALA A 196 7.99 11.12 -12.45
CA ALA A 196 7.62 9.70 -12.59
C ALA A 196 6.36 9.33 -11.80
N ASP A 197 6.16 9.91 -10.57
CA ASP A 197 4.93 9.66 -9.82
C ASP A 197 3.70 10.13 -10.61
N LEU A 198 3.80 11.29 -11.27
CA LEU A 198 2.69 11.82 -12.06
C LEU A 198 2.55 11.07 -13.36
N MET A 199 3.67 10.59 -13.90
CA MET A 199 3.61 9.78 -15.12
C MET A 199 2.79 8.50 -14.81
N VAL A 200 3.01 7.92 -13.62
CA VAL A 200 2.35 6.70 -13.15
C VAL A 200 0.84 6.95 -13.05
N SER A 201 0.43 8.07 -12.41
CA SER A 201 -0.99 8.41 -12.25
C SER A 201 -1.65 8.63 -13.62
N SER A 202 -0.93 9.26 -14.54
CA SER A 202 -1.43 9.50 -15.90
C SER A 202 -1.51 8.19 -16.71
N MET A 203 -0.52 7.29 -16.54
CA MET A 203 -0.57 5.98 -17.22
C MET A 203 -1.77 5.16 -16.75
N ALA A 204 -2.11 5.24 -15.45
CA ALA A 204 -3.30 4.54 -14.93
C ALA A 204 -4.56 5.10 -15.62
N CYS A 205 -4.63 6.44 -15.81
CA CYS A 205 -5.74 7.10 -16.53
C CYS A 205 -5.77 6.58 -17.98
N ASP A 206 -4.60 6.36 -18.60
CA ASP A 206 -4.55 5.87 -19.99
C ASP A 206 -4.91 4.39 -20.13
N LEU A 207 -4.55 3.56 -19.14
CA LEU A 207 -4.60 2.12 -19.32
C LEU A 207 -5.50 1.28 -18.44
N SER A 208 -5.75 1.70 -17.20
CA SER A 208 -6.40 0.78 -16.25
C SER A 208 -7.85 0.40 -16.60
N ALA A 209 -8.71 1.36 -16.92
CA ALA A 209 -10.13 1.06 -17.19
C ALA A 209 -10.32 0.25 -18.48
N LYS A 210 -9.62 0.65 -19.54
CA LYS A 210 -9.79 0.02 -20.85
C LYS A 210 -9.06 -1.33 -20.97
N TYR A 211 -7.85 -1.44 -20.39
CA TYR A 211 -7.02 -2.65 -20.60
C TYR A 211 -6.74 -3.50 -19.37
N GLY A 212 -7.19 -3.10 -18.20
CA GLY A 212 -6.96 -3.87 -16.97
C GLY A 212 -5.49 -3.90 -16.57
N ILE A 213 -4.73 -2.84 -16.92
CA ILE A 213 -3.32 -2.76 -16.53
C ILE A 213 -3.23 -1.80 -15.36
N ASN A 214 -2.87 -2.29 -14.16
CA ASN A 214 -2.75 -1.41 -12.98
C ASN A 214 -1.34 -0.83 -12.99
N VAL A 215 -1.22 0.48 -12.66
CA VAL A 215 0.08 1.13 -12.70
C VAL A 215 0.25 1.88 -11.39
N ASN A 216 1.24 1.50 -10.59
CA ASN A 216 1.47 2.15 -9.30
C ASN A 216 2.94 2.37 -9.08
N SER A 217 3.27 3.27 -8.18
CA SER A 217 4.65 3.47 -7.78
C SER A 217 4.82 3.19 -6.30
N ILE A 218 6.06 2.92 -5.86
CA ILE A 218 6.42 2.80 -4.44
C ILE A 218 7.49 3.87 -4.25
N CYS A 219 7.43 4.54 -3.08
CA CYS A 219 8.27 5.70 -2.77
C CYS A 219 9.13 5.37 -1.56
N PRO A 220 10.29 4.71 -1.78
CA PRO A 220 11.10 4.32 -0.62
C PRO A 220 11.96 5.42 0.01
N THR A 221 12.28 5.18 1.27
CA THR A 221 13.29 5.97 1.97
C THR A 221 14.64 5.30 1.59
N VAL A 222 15.75 5.82 2.13
N VAL A 222 15.75 5.83 2.18
CA VAL A 222 17.08 5.28 1.81
CA VAL A 222 17.11 5.32 2.00
C VAL A 222 17.37 3.91 2.45
C VAL A 222 17.18 3.87 2.44
N PHE A 223 18.29 3.14 1.83
N PHE A 223 17.72 3.04 1.58
CA PHE A 223 18.72 1.87 2.39
CA PHE A 223 17.88 1.63 1.90
C PHE A 223 19.89 2.13 3.34
C PHE A 223 19.25 1.15 1.52
N ARG A 224 19.91 1.39 4.47
N ARG A 224 19.68 0.04 2.14
CA ARG A 224 20.97 1.44 5.49
CA ARG A 224 21.01 -0.54 1.99
C ARG A 224 22.38 1.29 4.89
C ARG A 224 21.35 -0.95 0.55
N SER A 225 22.57 0.28 4.00
N SER A 225 22.36 -0.29 0.01
CA SER A 225 23.85 -0.03 3.36
CA SER A 225 22.94 -0.54 -1.31
C SER A 225 24.43 1.13 2.54
C SER A 225 24.45 -0.32 -1.19
N ASP A 226 23.59 2.01 1.99
N ASP A 226 25.20 -0.60 -2.25
CA ASP A 226 24.03 3.17 1.20
CA ASP A 226 26.64 -0.36 -2.27
C ASP A 226 24.62 4.30 2.04
C ASP A 226 26.93 1.14 -2.09
N LEU A 227 24.38 4.31 3.37
N LEU A 227 26.02 2.00 -2.61
CA LEU A 227 24.88 5.34 4.30
CA LEU A 227 26.17 3.46 -2.54
C LEU A 227 26.05 4.84 5.19
C LEU A 227 25.87 4.05 -1.16
N THR A 228 26.48 3.57 5.03
N THR A 228 24.90 3.48 -0.43
CA THR A 228 27.52 2.92 5.85
CA THR A 228 24.50 3.98 0.91
C THR A 228 28.92 3.59 5.75
C THR A 228 25.09 3.19 2.09
N GLU A 229 29.32 4.07 4.56
N GLU A 229 25.76 2.06 1.83
CA GLU A 229 30.64 4.70 4.35
CA GLU A 229 26.36 1.15 2.84
C GLU A 229 30.94 5.89 5.27
C GLU A 229 27.10 1.88 3.99
N TRP A 230 30.05 6.90 5.30
N TRP A 230 27.79 2.99 3.67
CA TRP A 230 30.21 8.11 6.11
CA TRP A 230 28.57 3.81 4.61
C TRP A 230 29.49 8.07 7.48
C TRP A 230 27.77 4.38 5.80
N MET A 231 28.99 6.87 7.85
N MET A 231 26.48 4.67 5.58
CA MET A 231 28.27 6.58 9.10
CA MET A 231 25.55 5.22 6.58
C MET A 231 29.10 6.92 10.36
C MET A 231 25.04 4.17 7.57
N PHE A 232 30.41 6.62 10.32
N PHE A 232 25.21 2.88 7.26
CA PHE A 232 31.35 6.83 11.44
CA PHE A 232 24.55 1.80 7.97
C PHE A 232 31.95 8.25 11.47
C PHE A 232 25.16 1.34 9.29
N ASP A 233 31.59 9.13 10.51
N ASP A 233 26.02 2.17 9.92
CA ASP A 233 32.13 10.50 10.45
CA ASP A 233 26.51 1.84 11.26
C ASP A 233 31.32 11.47 11.31
C ASP A 233 25.47 2.49 12.21
N PRO A 234 31.89 12.06 12.40
N PRO A 234 24.67 1.70 12.98
CA PRO A 234 31.13 13.03 13.22
CA PRO A 234 23.64 2.33 13.83
C PRO A 234 30.70 14.30 12.47
C PRO A 234 24.26 3.23 14.88
N GLU A 235 31.45 14.67 11.40
N GLU A 235 25.50 2.86 15.25
CA GLU A 235 31.17 15.85 10.56
CA GLU A 235 26.39 3.53 16.17
C GLU A 235 29.95 15.68 9.66
C GLU A 235 27.17 4.67 15.48
N SER A 236 29.49 14.43 9.46
N SER A 236 26.62 5.27 14.41
CA SER A 236 28.36 14.10 8.60
CA SER A 236 27.27 6.38 13.71
C SER A 236 27.13 13.89 9.44
C SER A 236 26.42 7.63 13.64
N ALA A 237 26.05 14.56 9.04
N ALA A 237 27.08 8.77 13.39
CA ALA A 237 24.78 14.50 9.73
CA ALA A 237 26.51 10.11 13.31
C ALA A 237 23.74 13.69 8.96
C ALA A 237 25.57 10.34 12.13
N VAL A 238 24.12 13.19 7.76
N VAL A 238 25.93 9.78 10.96
CA VAL A 238 23.24 12.44 6.86
CA VAL A 238 25.13 9.95 9.74
C VAL A 238 22.53 11.30 7.59
C VAL A 238 23.80 9.21 9.81
N TYR A 239 23.30 10.34 8.15
N TYR A 239 23.74 8.14 10.64
CA TYR A 239 22.77 9.17 8.87
CA TYR A 239 22.55 7.32 10.89
C TYR A 239 21.80 9.56 9.98
C TYR A 239 21.63 8.17 11.83
N GLN A 240 22.17 10.58 10.80
N GLN A 240 21.40 9.48 11.47
CA GLN A 240 21.35 11.15 11.89
CA GLN A 240 20.60 10.41 12.30
C GLN A 240 20.04 11.81 11.38
C GLN A 240 19.76 11.47 11.56
N ASN A 241 20.15 12.66 10.33
N ASN A 241 20.26 12.13 10.49
CA ASN A 241 19.03 13.38 9.74
CA ASN A 241 19.43 13.13 9.78
C ASN A 241 17.94 12.41 9.31
C ASN A 241 18.14 12.44 9.31
N PHE A 242 18.35 11.23 8.77
CA PHE A 242 17.36 10.25 8.33
C PHE A 242 16.70 9.65 9.57
N LEU A 243 17.46 9.36 10.64
CA LEU A 243 16.85 8.71 11.80
C LEU A 243 15.87 9.55 12.61
N LYS A 244 16.12 10.88 12.76
CA LYS A 244 15.20 11.81 13.41
C LYS A 244 13.88 11.82 12.62
N ARG A 245 13.96 11.54 11.32
CA ARG A 245 12.81 11.56 10.41
C ARG A 245 12.29 10.18 10.07
N GLU A 246 12.64 9.16 10.88
CA GLU A 246 12.14 7.80 10.64
C GLU A 246 11.31 7.27 11.83
N PRO A 247 9.98 7.50 11.84
CA PRO A 247 9.11 6.91 12.89
C PRO A 247 9.24 5.39 13.05
N ILE A 248 9.54 4.66 11.97
CA ILE A 248 9.77 3.19 12.06
C ILE A 248 10.99 2.84 12.94
N GLY A 249 11.95 3.76 13.05
CA GLY A 249 13.05 3.61 14.01
C GLY A 249 14.33 2.99 13.49
N ARG A 250 14.42 2.80 12.18
CA ARG A 250 15.62 2.23 11.54
C ARG A 250 15.59 2.56 10.06
N LEU A 251 16.77 2.47 9.43
CA LEU A 251 16.85 2.65 7.98
C LEU A 251 16.38 1.33 7.32
N ALA A 252 16.00 1.41 6.06
CA ALA A 252 15.45 0.27 5.33
C ALA A 252 16.49 -0.66 4.73
N GLU A 253 16.07 -1.89 4.48
CA GLU A 253 16.81 -2.89 3.73
C GLU A 253 15.97 -3.13 2.47
N PRO A 254 16.55 -3.52 1.32
CA PRO A 254 15.71 -3.81 0.13
C PRO A 254 14.58 -4.84 0.38
N GLU A 255 14.82 -5.84 1.26
CA GLU A 255 13.82 -6.87 1.58
C GLU A 255 12.55 -6.27 2.22
N ASP A 256 12.66 -5.06 2.81
CA ASP A 256 11.53 -4.34 3.44
C ASP A 256 10.47 -3.89 2.41
N PHE A 257 10.79 -3.91 1.10
CA PHE A 257 9.88 -3.48 0.05
C PHE A 257 9.36 -4.61 -0.83
N VAL A 258 9.80 -5.84 -0.55
CA VAL A 258 9.39 -7.06 -1.24
C VAL A 258 7.86 -7.26 -1.09
N GLY A 259 7.35 -7.14 0.15
CA GLY A 259 5.91 -7.28 0.42
C GLY A 259 5.06 -6.32 -0.39
N TYR A 260 5.43 -5.02 -0.36
CA TYR A 260 4.70 -4.01 -1.12
C TYR A 260 4.75 -4.26 -2.61
N ALA A 261 5.93 -4.60 -3.14
CA ALA A 261 6.03 -4.86 -4.59
C ALA A 261 5.18 -6.07 -5.01
N LEU A 262 5.25 -7.19 -4.25
CA LEU A 262 4.47 -8.39 -4.58
C LEU A 262 2.97 -8.14 -4.39
N PHE A 263 2.61 -7.35 -3.38
CA PHE A 263 1.22 -6.95 -3.16
C PHE A 263 0.66 -6.24 -4.44
N LEU A 264 1.42 -5.24 -4.91
CA LEU A 264 1.06 -4.46 -6.11
C LEU A 264 1.20 -5.24 -7.44
N SER A 265 1.71 -6.49 -7.38
CA SER A 265 1.89 -7.36 -8.54
C SER A 265 0.89 -8.52 -8.54
N SER A 266 -0.06 -8.53 -7.57
CA SER A 266 -0.98 -9.66 -7.40
C SER A 266 -2.47 -9.21 -7.42
N ASP A 267 -3.40 -10.20 -7.44
CA ASP A 267 -4.84 -9.94 -7.43
C ASP A 267 -5.32 -9.18 -6.21
N ALA A 268 -4.56 -9.24 -5.09
CA ALA A 268 -4.86 -8.57 -3.82
C ALA A 268 -4.94 -7.05 -3.99
N SER A 269 -4.32 -6.49 -5.04
CA SER A 269 -4.32 -5.03 -5.32
C SER A 269 -5.09 -4.70 -6.64
N ASN A 270 -5.99 -5.58 -7.09
CA ASN A 270 -6.73 -5.36 -8.36
C ASN A 270 -7.43 -4.01 -8.47
N TYR A 271 -7.89 -3.42 -7.35
CA TYR A 271 -8.58 -2.12 -7.43
C TYR A 271 -7.60 -0.93 -7.36
N ILE A 272 -6.35 -1.20 -6.97
CA ILE A 272 -5.34 -0.17 -6.72
C ILE A 272 -4.62 0.25 -7.99
N THR A 273 -4.79 1.51 -8.41
CA THR A 273 -4.09 2.00 -9.59
C THR A 273 -3.84 3.47 -9.46
N GLY A 274 -2.79 3.97 -10.13
CA GLY A 274 -2.40 5.37 -10.12
C GLY A 274 -1.88 5.85 -8.77
N ALA A 275 -1.60 4.92 -7.84
CA ALA A 275 -1.15 5.29 -6.48
C ALA A 275 0.36 5.46 -6.42
N ASN A 276 0.83 6.36 -5.53
CA ASN A 276 2.26 6.57 -5.25
C ASN A 276 2.42 6.14 -3.77
N CYS A 277 2.73 4.87 -3.58
CA CYS A 277 2.69 4.23 -2.28
C CYS A 277 3.84 4.63 -1.38
N ASP A 278 3.48 4.91 -0.14
CA ASP A 278 4.44 5.38 0.86
C ASP A 278 5.28 4.23 1.44
N CYS A 279 6.56 4.12 1.04
CA CYS A 279 7.52 3.14 1.59
C CYS A 279 8.62 3.88 2.35
N SER A 280 8.24 4.97 3.00
CA SER A 280 9.20 5.86 3.68
C SER A 280 9.45 5.55 5.16
N GLY A 281 8.70 4.61 5.75
CA GLY A 281 8.80 4.31 7.20
C GLY A 281 8.35 5.45 8.08
N GLY A 282 7.54 6.35 7.51
CA GLY A 282 6.99 7.51 8.20
C GLY A 282 7.70 8.83 7.90
N TYR A 283 8.80 8.77 7.12
CA TYR A 283 9.52 9.99 6.73
C TYR A 283 8.58 10.97 6.01
N LEU A 284 7.67 10.44 5.19
CA LEU A 284 6.74 11.31 4.45
C LEU A 284 5.66 11.94 5.31
N THR A 285 5.35 11.32 6.45
CA THR A 285 4.22 11.79 7.27
C THR A 285 4.63 12.32 8.65
N CYS A 286 5.87 12.81 8.80
CA CYS A 286 6.30 13.42 10.06
C CYS A 286 7.20 14.65 9.78
N HIS B 22 27.73 -13.81 -0.34
CA HIS B 22 27.56 -13.20 -1.66
C HIS B 22 26.14 -13.39 -2.23
N MET B 23 25.31 -14.21 -1.55
CA MET B 23 23.92 -14.50 -1.93
C MET B 23 23.04 -13.25 -1.76
N VAL B 24 21.99 -13.13 -2.59
CA VAL B 24 21.05 -12.00 -2.50
C VAL B 24 20.44 -11.98 -1.09
N ASN B 25 20.30 -10.80 -0.48
CA ASN B 25 19.75 -10.63 0.87
C ASN B 25 18.21 -10.67 0.95
N VAL B 26 17.65 -11.85 0.71
CA VAL B 26 16.22 -12.12 0.87
C VAL B 26 16.08 -13.63 1.10
N LYS B 27 15.25 -14.02 2.04
CA LYS B 27 15.08 -15.43 2.40
C LYS B 27 13.78 -16.01 1.85
N LYS B 28 13.87 -17.25 1.34
CA LYS B 28 12.69 -17.95 0.83
C LYS B 28 11.63 -18.10 1.93
N GLU B 29 12.03 -18.47 3.16
CA GLU B 29 11.08 -18.64 4.27
C GLU B 29 10.33 -17.31 4.53
N PHE B 30 11.04 -16.17 4.42
CA PHE B 30 10.37 -14.87 4.62
C PHE B 30 9.31 -14.64 3.52
N VAL B 31 9.72 -14.74 2.24
CA VAL B 31 8.83 -14.55 1.10
C VAL B 31 7.60 -15.45 1.16
N ASP B 32 7.81 -16.74 1.48
CA ASP B 32 6.71 -17.71 1.53
C ASP B 32 5.66 -17.39 2.59
N ASN B 33 6.09 -16.79 3.71
CA ASN B 33 5.19 -16.57 4.85
C ASN B 33 4.85 -15.12 5.18
N MET B 34 5.38 -14.17 4.41
CA MET B 34 5.26 -12.73 4.76
C MET B 34 3.82 -12.20 4.83
N PHE B 35 2.90 -12.75 4.02
CA PHE B 35 1.51 -12.26 4.07
C PHE B 35 0.62 -12.96 5.11
N SER B 36 1.20 -13.85 5.91
CA SER B 36 0.44 -14.64 6.86
C SER B 36 -0.15 -13.87 8.02
N VAL B 37 -1.41 -14.19 8.36
CA VAL B 37 -2.06 -13.72 9.58
C VAL B 37 -2.54 -14.94 10.38
N LYS B 38 -2.10 -16.13 9.97
CA LYS B 38 -2.51 -17.38 10.62
C LYS B 38 -2.15 -17.39 12.12
N GLY B 39 -3.15 -17.70 12.96
CA GLY B 39 -2.96 -17.77 14.41
C GLY B 39 -2.91 -16.44 15.13
N LYS B 40 -2.99 -15.32 14.41
CA LYS B 40 -3.01 -13.99 15.00
C LYS B 40 -4.43 -13.66 15.46
N VAL B 41 -4.56 -12.83 16.50
CA VAL B 41 -5.88 -12.43 16.98
C VAL B 41 -6.17 -11.08 16.35
N ALA B 42 -7.20 -11.03 15.50
CA ALA B 42 -7.59 -9.79 14.81
C ALA B 42 -8.87 -9.26 15.40
N LEU B 43 -8.81 -8.03 15.97
CA LEU B 43 -9.96 -7.39 16.57
C LEU B 43 -10.48 -6.40 15.52
N VAL B 44 -11.73 -6.58 15.10
CA VAL B 44 -12.33 -5.77 14.05
C VAL B 44 -13.49 -4.92 14.61
N THR B 45 -13.38 -3.58 14.57
CA THR B 45 -14.47 -2.72 14.99
C THR B 45 -15.37 -2.48 13.78
N GLY B 46 -16.63 -2.16 14.04
CA GLY B 46 -17.61 -1.97 12.97
C GLY B 46 -17.78 -3.24 12.17
N ALA B 47 -17.58 -4.40 12.84
CA ALA B 47 -17.61 -5.72 12.21
C ALA B 47 -18.94 -6.05 11.52
N THR B 48 -20.03 -5.38 11.93
CA THR B 48 -21.35 -5.62 11.34
C THR B 48 -21.56 -4.83 10.04
N GLY B 49 -20.66 -3.88 9.75
CA GLY B 49 -20.76 -3.01 8.59
C GLY B 49 -20.39 -3.67 7.28
N ALA B 50 -20.59 -2.94 6.17
CA ALA B 50 -20.29 -3.47 4.84
C ALA B 50 -18.82 -3.91 4.69
N LEU B 51 -17.89 -3.07 5.12
CA LEU B 51 -16.48 -3.43 5.07
C LEU B 51 -16.09 -4.32 6.26
N GLY B 52 -16.59 -3.99 7.44
CA GLY B 52 -16.27 -4.75 8.64
C GLY B 52 -16.56 -6.23 8.53
N CYS B 53 -17.72 -6.61 7.97
CA CYS B 53 -18.07 -8.04 7.90
C CYS B 53 -17.19 -8.79 6.92
N VAL B 54 -16.82 -8.12 5.83
CA VAL B 54 -15.95 -8.64 4.77
C VAL B 54 -14.54 -8.80 5.32
N LEU B 55 -14.00 -7.74 5.95
CA LEU B 55 -12.66 -7.85 6.55
C LEU B 55 -12.63 -8.94 7.64
N SER B 56 -13.66 -8.98 8.53
CA SER B 56 -13.71 -9.99 9.60
C SER B 56 -13.66 -11.40 9.00
N LYS B 57 -14.48 -11.67 7.95
CA LYS B 57 -14.48 -13.01 7.33
C LYS B 57 -13.16 -13.29 6.59
N ALA B 58 -12.56 -12.26 5.95
CA ALA B 58 -11.28 -12.44 5.26
C ALA B 58 -10.15 -12.82 6.25
N TYR B 59 -10.09 -12.15 7.43
CA TYR B 59 -9.10 -12.49 8.47
C TYR B 59 -9.32 -13.97 8.88
N GLY B 60 -10.58 -14.36 9.06
CA GLY B 60 -10.96 -15.72 9.44
C GLY B 60 -10.54 -16.75 8.40
N TYR B 61 -10.84 -16.47 7.10
CA TYR B 61 -10.47 -17.33 5.98
C TYR B 61 -8.93 -17.44 5.90
N ALA B 62 -8.21 -16.38 6.27
CA ALA B 62 -6.73 -16.39 6.27
C ALA B 62 -6.14 -17.02 7.55
N GLY B 63 -7.00 -17.56 8.43
CA GLY B 63 -6.56 -18.30 9.62
C GLY B 63 -6.33 -17.53 10.90
N ALA B 64 -6.79 -16.28 10.95
CA ALA B 64 -6.69 -15.48 12.17
C ALA B 64 -7.86 -15.88 13.07
N LYS B 65 -7.70 -15.65 14.36
CA LYS B 65 -8.77 -15.76 15.37
C LYS B 65 -9.44 -14.39 15.30
N VAL B 66 -10.76 -14.34 15.05
CA VAL B 66 -11.38 -13.03 14.83
C VAL B 66 -12.27 -12.62 15.98
N PHE B 67 -11.99 -11.46 16.56
CA PHE B 67 -12.84 -10.93 17.62
C PHE B 67 -13.56 -9.72 17.03
N MET B 68 -14.86 -9.88 16.77
CA MET B 68 -15.69 -8.83 16.16
C MET B 68 -16.35 -7.94 17.20
N THR B 69 -16.40 -6.64 16.95
CA THR B 69 -17.06 -5.74 17.89
C THR B 69 -17.95 -4.74 17.15
N GLY B 70 -18.95 -4.26 17.86
CA GLY B 70 -19.91 -3.30 17.35
C GLY B 70 -21.02 -3.14 18.37
N ARG B 71 -21.97 -2.25 18.09
CA ARG B 71 -23.10 -2.03 19.00
C ARG B 71 -24.26 -2.99 18.68
N ASN B 72 -24.33 -3.49 17.44
CA ASN B 72 -25.43 -4.33 17.00
C ASN B 72 -25.21 -5.81 17.32
N GLU B 73 -25.72 -6.26 18.48
CA GLU B 73 -25.54 -7.65 18.91
C GLU B 73 -26.15 -8.68 17.95
N LYS B 74 -27.36 -8.41 17.43
CA LYS B 74 -28.06 -9.33 16.51
C LYS B 74 -27.19 -9.64 15.29
N LYS B 75 -26.62 -8.58 14.70
CA LYS B 75 -25.77 -8.71 13.53
C LYS B 75 -24.46 -9.42 13.87
N LEU B 76 -23.88 -9.17 15.06
CA LEU B 76 -22.65 -9.84 15.49
C LEU B 76 -22.90 -11.34 15.66
N GLN B 77 -24.05 -11.70 16.28
CA GLN B 77 -24.41 -13.11 16.47
C GLN B 77 -24.59 -13.84 15.15
N ALA B 78 -25.24 -13.19 14.17
CA ALA B 78 -25.46 -13.78 12.83
C ALA B 78 -24.12 -14.03 12.13
N LEU B 79 -23.17 -13.08 12.25
CA LEU B 79 -21.83 -13.25 11.65
C LEU B 79 -21.09 -14.39 12.35
N GLU B 80 -21.15 -14.44 13.68
CA GLU B 80 -20.48 -15.51 14.41
C GLU B 80 -20.97 -16.91 13.98
N ALA B 81 -22.29 -17.07 13.79
CA ALA B 81 -22.88 -18.34 13.37
C ALA B 81 -22.45 -18.68 11.93
N GLU B 82 -22.50 -17.68 11.03
CA GLU B 82 -22.08 -17.89 9.63
C GLU B 82 -20.60 -18.33 9.59
N PHE B 83 -19.73 -17.63 10.33
CA PHE B 83 -18.29 -17.90 10.32
C PHE B 83 -17.94 -19.26 10.91
N LYS B 84 -18.53 -19.60 12.06
CA LYS B 84 -18.29 -20.88 12.72
C LYS B 84 -18.70 -22.07 11.84
N ALA B 85 -19.75 -21.89 11.02
CA ALA B 85 -20.23 -22.95 10.09
C ALA B 85 -19.17 -23.22 8.99
N GLU B 86 -18.22 -22.30 8.82
CA GLU B 86 -17.13 -22.43 7.85
C GLU B 86 -15.77 -22.64 8.54
N GLY B 87 -15.80 -23.09 9.78
CA GLY B 87 -14.62 -23.44 10.56
C GLY B 87 -13.77 -22.28 11.03
N ILE B 88 -14.30 -21.05 10.98
CA ILE B 88 -13.57 -19.87 11.44
C ILE B 88 -13.66 -19.80 12.98
N ASP B 89 -12.51 -19.61 13.64
CA ASP B 89 -12.47 -19.39 15.08
C ASP B 89 -12.74 -17.90 15.31
N CYS B 90 -13.93 -17.60 15.87
CA CYS B 90 -14.33 -16.21 16.08
C CYS B 90 -15.17 -16.06 17.33
N ALA B 91 -15.32 -14.81 17.76
CA ALA B 91 -16.12 -14.41 18.93
C ALA B 91 -16.51 -12.97 18.73
N TYR B 92 -17.39 -12.46 19.61
CA TYR B 92 -17.79 -11.05 19.52
C TYR B 92 -17.92 -10.45 20.91
N GLY B 93 -17.85 -9.12 20.95
CA GLY B 93 -18.07 -8.33 22.15
C GLY B 93 -18.84 -7.09 21.76
N VAL B 94 -19.92 -6.79 22.46
CA VAL B 94 -20.75 -5.61 22.20
C VAL B 94 -20.14 -4.39 22.88
N ALA B 95 -19.98 -3.28 22.13
CA ALA B 95 -19.45 -2.04 22.69
C ALA B 95 -19.67 -0.87 21.75
N ASP B 96 -19.92 0.31 22.33
CA ASP B 96 -19.98 1.56 21.56
C ASP B 96 -18.51 2.01 21.54
N PRO B 97 -17.85 2.11 20.34
CA PRO B 97 -16.40 2.44 20.31
C PRO B 97 -16.05 3.82 20.84
N ALA B 98 -17.03 4.71 21.01
CA ALA B 98 -16.80 6.04 21.57
C ALA B 98 -16.81 5.99 23.11
N ASP B 99 -17.22 4.83 23.72
CA ASP B 99 -17.38 4.68 25.19
C ASP B 99 -16.19 3.95 25.76
N GLU B 100 -15.28 4.69 26.44
CA GLU B 100 -14.04 4.05 26.92
C GLU B 100 -14.27 2.94 27.94
N ALA B 101 -15.31 2.99 28.79
CA ALA B 101 -15.57 1.89 29.71
C ALA B 101 -16.02 0.62 28.95
N GLN B 102 -16.86 0.79 27.93
CA GLN B 102 -17.32 -0.33 27.11
C GLN B 102 -16.16 -0.91 26.26
N VAL B 103 -15.32 -0.02 25.73
CA VAL B 103 -14.16 -0.45 24.91
C VAL B 103 -13.18 -1.24 25.80
N ASP B 104 -12.92 -0.75 27.02
CA ASP B 104 -11.99 -1.43 27.93
C ASP B 104 -12.52 -2.82 28.32
N ALA B 105 -13.82 -2.92 28.60
CA ALA B 105 -14.44 -4.22 28.93
C ALA B 105 -14.42 -5.17 27.73
N MET B 106 -14.59 -4.63 26.52
CA MET B 106 -14.58 -5.43 25.29
C MET B 106 -13.18 -6.02 25.05
N ILE B 107 -12.12 -5.22 25.24
CA ILE B 107 -10.74 -5.70 25.06
C ILE B 107 -10.43 -6.77 26.11
N THR B 108 -10.86 -6.55 27.36
CA THR B 108 -10.70 -7.55 28.43
C THR B 108 -11.38 -8.87 28.03
N ALA B 109 -12.59 -8.79 27.43
CA ALA B 109 -13.34 -9.97 26.97
C ALA B 109 -12.56 -10.67 25.82
N CYS B 110 -11.95 -9.91 24.91
CA CYS B 110 -11.15 -10.49 23.82
C CYS B 110 -9.95 -11.23 24.42
N VAL B 111 -9.30 -10.61 25.42
CA VAL B 111 -8.15 -11.22 26.12
C VAL B 111 -8.60 -12.49 26.90
N ALA B 112 -9.78 -12.50 27.51
CA ALA B 112 -10.27 -13.69 28.21
C ALA B 112 -10.49 -14.84 27.21
N GLN B 113 -10.97 -14.51 26.01
CA GLN B 113 -11.24 -15.48 24.97
C GLN B 113 -9.96 -15.99 24.28
N TYR B 114 -9.07 -15.07 23.84
CA TYR B 114 -7.91 -15.40 23.01
C TYR B 114 -6.53 -15.13 23.61
N GLY B 115 -6.49 -14.51 24.78
CA GLY B 115 -5.25 -14.23 25.51
C GLY B 115 -4.43 -13.02 25.09
N GLU B 116 -4.72 -12.43 23.92
CA GLU B 116 -3.99 -11.28 23.37
C GLU B 116 -4.71 -10.66 22.19
N VAL B 117 -4.25 -9.49 21.75
CA VAL B 117 -4.72 -8.81 20.55
C VAL B 117 -3.45 -8.54 19.70
N ASN B 118 -3.44 -8.96 18.44
CA ASN B 118 -2.27 -8.78 17.59
C ASN B 118 -2.49 -7.81 16.45
N ILE B 119 -3.74 -7.74 15.97
CA ILE B 119 -4.16 -6.89 14.84
C ILE B 119 -5.41 -6.20 15.23
N LEU B 120 -5.48 -4.91 14.90
CA LEU B 120 -6.69 -4.12 15.08
C LEU B 120 -7.06 -3.53 13.73
N ALA B 121 -8.32 -3.72 13.30
CA ALA B 121 -8.84 -3.09 12.06
C ALA B 121 -10.03 -2.23 12.48
N VAL B 122 -9.92 -0.91 12.30
CA VAL B 122 -10.96 0.03 12.75
C VAL B 122 -11.85 0.37 11.54
N THR B 123 -13.10 -0.15 11.51
CA THR B 123 -13.95 0.07 10.32
C THR B 123 -15.29 0.73 10.60
N HIS B 124 -15.60 1.02 11.87
CA HIS B 124 -16.88 1.65 12.18
C HIS B 124 -16.85 3.10 11.71
N GLY B 125 -18.01 3.70 11.58
CA GLY B 125 -18.06 5.10 11.19
C GLY B 125 -19.49 5.56 11.05
N PHE B 126 -19.68 6.87 10.81
CA PHE B 126 -20.97 7.47 10.68
C PHE B 126 -20.86 8.75 9.85
N ASN B 127 -21.87 9.03 9.04
CA ASN B 127 -21.93 10.32 8.35
C ASN B 127 -23.38 10.75 8.23
N LYS B 128 -23.59 12.06 8.23
CA LYS B 128 -24.89 12.69 7.98
C LYS B 128 -24.57 14.02 7.24
N PRO B 129 -24.35 13.99 5.91
CA PRO B 129 -23.99 15.25 5.21
C PRO B 129 -25.00 16.37 5.40
N GLN B 130 -24.49 17.58 5.61
CA GLN B 130 -25.32 18.78 5.81
C GLN B 130 -24.41 19.96 5.64
N ASN B 131 -24.90 21.00 4.93
CA ASN B 131 -24.15 22.24 4.73
C ASN B 131 -23.88 22.88 6.11
N ILE B 132 -22.72 23.52 6.27
CA ILE B 132 -22.34 24.20 7.53
C ILE B 132 -23.45 25.14 8.06
N LEU B 133 -24.11 25.86 7.14
CA LEU B 133 -25.18 26.80 7.53
C LEU B 133 -26.36 26.14 8.24
N GLU B 134 -26.70 24.91 7.87
CA GLU B 134 -27.86 24.14 8.41
C GLU B 134 -27.46 23.13 9.47
N GLN B 135 -26.16 22.90 9.63
CA GLN B 135 -25.63 21.90 10.57
C GLN B 135 -25.25 22.53 11.90
N SER B 136 -25.98 22.15 12.96
CA SER B 136 -25.70 22.68 14.29
C SER B 136 -24.33 22.20 14.79
N VAL B 137 -23.78 22.91 15.76
CA VAL B 137 -22.54 22.50 16.40
C VAL B 137 -22.73 21.10 17.01
N ALA B 138 -23.88 20.83 17.64
CA ALA B 138 -24.17 19.49 18.20
C ALA B 138 -24.12 18.39 17.12
N ASP B 139 -24.67 18.66 15.91
CA ASP B 139 -24.66 17.68 14.82
C ASP B 139 -23.26 17.43 14.28
N TRP B 140 -22.43 18.47 14.18
CA TRP B 140 -21.03 18.33 13.75
C TRP B 140 -20.30 17.49 14.83
N GLN B 141 -20.54 17.80 16.11
CA GLN B 141 -19.91 17.06 17.23
C GLN B 141 -20.31 15.59 17.25
N TYR B 142 -21.56 15.30 16.89
CA TYR B 142 -22.06 13.93 16.83
C TYR B 142 -21.22 13.09 15.85
N ILE B 143 -20.90 13.66 14.67
CA ILE B 143 -20.06 13.00 13.69
C ILE B 143 -18.62 12.87 14.25
N MET B 144 -18.09 13.94 14.85
CA MET B 144 -16.73 13.89 15.41
C MET B 144 -16.61 12.81 16.49
N ASP B 145 -17.61 12.70 17.36
CA ASP B 145 -17.61 11.70 18.44
C ASP B 145 -17.66 10.30 17.89
N ALA B 146 -18.63 10.02 17.02
CA ALA B 146 -18.81 8.68 16.47
C ALA B 146 -17.73 8.24 15.49
N ASP B 147 -17.14 9.19 14.75
CA ASP B 147 -16.18 8.87 13.72
CA ASP B 147 -16.14 8.95 13.70
C ASP B 147 -14.70 9.15 14.05
N CYS B 148 -14.39 10.13 14.91
CA CYS B 148 -13.02 10.53 15.24
C CYS B 148 -12.62 10.20 16.69
N LYS B 149 -13.41 10.66 17.66
CA LYS B 149 -13.12 10.36 19.08
C LYS B 149 -13.03 8.83 19.30
N SER B 150 -13.96 8.08 18.70
CA SER B 150 -14.01 6.62 18.83
C SER B 150 -12.74 5.94 18.31
N VAL B 151 -12.08 6.55 17.29
CA VAL B 151 -10.82 6.03 16.73
C VAL B 151 -9.73 6.23 17.79
N TYR B 152 -9.67 7.42 18.39
CA TYR B 152 -8.71 7.66 19.48
C TYR B 152 -8.93 6.65 20.64
N VAL B 153 -10.19 6.45 21.07
CA VAL B 153 -10.50 5.53 22.19
C VAL B 153 -10.01 4.11 21.88
N VAL B 154 -10.45 3.57 20.75
CA VAL B 154 -10.09 2.19 20.40
C VAL B 154 -8.58 2.04 20.23
N CYS B 155 -7.94 2.96 19.49
CA CYS B 155 -6.50 2.86 19.27
C CYS B 155 -5.71 3.00 20.54
N LYS B 156 -6.09 3.91 21.43
CA LYS B 156 -5.38 4.10 22.71
C LYS B 156 -5.43 2.80 23.54
N TYR B 157 -6.63 2.26 23.75
CA TYR B 157 -6.83 1.07 24.60
C TYR B 157 -6.20 -0.19 24.00
N VAL B 158 -6.32 -0.37 22.66
CA VAL B 158 -5.68 -1.54 22.02
C VAL B 158 -4.16 -1.37 22.04
N ALA B 159 -3.66 -0.14 21.75
CA ALA B 159 -2.20 0.08 21.76
C ALA B 159 -1.66 -0.20 23.16
N GLN B 160 -2.41 0.17 24.22
CA GLN B 160 -1.97 -0.10 25.59
C GLN B 160 -1.89 -1.60 25.82
N GLN B 161 -2.88 -2.34 25.32
CA GLN B 161 -2.89 -3.81 25.44
C GLN B 161 -1.68 -4.39 24.68
N MET B 162 -1.37 -3.89 23.47
CA MET B 162 -0.21 -4.37 22.70
C MET B 162 1.10 -4.05 23.43
N VAL B 163 1.20 -2.86 24.03
CA VAL B 163 2.37 -2.47 24.84
C VAL B 163 2.53 -3.44 26.02
N ASP B 164 1.44 -3.71 26.75
CA ASP B 164 1.43 -4.64 27.89
C ASP B 164 1.92 -6.03 27.50
N GLN B 165 1.57 -6.51 26.28
CA GLN B 165 1.98 -7.84 25.79
C GLN B 165 3.48 -7.89 25.44
N GLY B 166 4.00 -6.77 24.92
CA GLY B 166 5.41 -6.62 24.54
C GLY B 166 5.84 -7.36 23.30
N LYS B 167 4.89 -7.65 22.38
CA LYS B 167 5.13 -8.42 21.14
C LYS B 167 4.86 -7.57 19.88
N GLY B 168 4.72 -6.26 20.04
CA GLY B 168 4.38 -5.38 18.91
C GLY B 168 2.95 -5.60 18.45
N GLY B 169 2.65 -5.18 17.23
CA GLY B 169 1.29 -5.34 16.71
C GLY B 169 1.06 -4.54 15.46
N LYS B 170 -0.15 -4.68 14.90
CA LYS B 170 -0.54 -3.95 13.71
C LYS B 170 -1.88 -3.29 13.94
N ILE B 171 -1.98 -2.02 13.54
CA ILE B 171 -3.25 -1.27 13.62
C ILE B 171 -3.50 -0.73 12.22
N VAL B 172 -4.70 -0.97 11.71
CA VAL B 172 -5.17 -0.50 10.40
C VAL B 172 -6.44 0.29 10.67
N VAL B 173 -6.41 1.59 10.35
CA VAL B 173 -7.58 2.44 10.54
C VAL B 173 -8.22 2.73 9.18
N VAL B 174 -9.51 2.44 9.02
CA VAL B 174 -10.17 2.76 7.76
C VAL B 174 -10.65 4.21 7.81
N THR B 175 -10.04 5.09 7.01
CA THR B 175 -10.48 6.49 7.01
C THR B 175 -11.37 6.66 5.79
N SER B 176 -10.90 7.37 4.74
CA SER B 176 -11.66 7.63 3.52
C SER B 176 -10.78 8.45 2.60
N GLN B 177 -11.06 8.43 1.29
CA GLN B 177 -10.37 9.38 0.40
C GLN B 177 -10.75 10.82 0.80
N ARG B 178 -11.90 10.99 1.55
CA ARG B 178 -12.36 12.28 2.08
C ARG B 178 -11.42 12.81 3.18
N SER B 179 -10.42 11.99 3.61
CA SER B 179 -9.42 12.46 4.59
C SER B 179 -8.49 13.47 3.89
N LYS B 180 -8.41 13.44 2.54
CA LYS B 180 -7.52 14.32 1.75
C LYS B 180 -8.26 15.28 0.81
N ARG B 181 -9.57 15.07 0.60
CA ARG B 181 -10.32 15.95 -0.32
C ARG B 181 -11.62 16.35 0.37
N GLY B 182 -11.91 17.65 0.39
CA GLY B 182 -13.14 18.16 0.97
C GLY B 182 -14.33 17.84 0.10
N MET B 183 -15.54 18.10 0.62
CA MET B 183 -16.75 17.87 -0.17
C MET B 183 -17.87 18.69 0.43
N ALA B 184 -18.79 19.19 -0.43
CA ALA B 184 -19.97 19.91 0.03
C ALA B 184 -20.75 19.04 1.00
N GLY B 185 -21.14 19.62 2.13
CA GLY B 185 -21.91 18.94 3.17
C GLY B 185 -21.09 18.08 4.11
N TYR B 186 -19.77 18.00 3.89
CA TYR B 186 -18.89 17.13 4.68
C TYR B 186 -18.01 17.82 5.71
N THR B 187 -18.38 19.00 6.23
CA THR B 187 -17.56 19.60 7.29
C THR B 187 -17.40 18.67 8.50
N GLY B 188 -18.39 17.82 8.79
CA GLY B 188 -18.22 16.88 9.91
C GLY B 188 -17.28 15.74 9.53
N TYR B 189 -17.64 15.00 8.47
CA TYR B 189 -16.91 13.80 8.02
C TYR B 189 -15.49 14.09 7.56
N CYS B 190 -15.28 15.16 6.78
CA CYS B 190 -13.92 15.47 6.31
C CYS B 190 -13.02 15.91 7.46
N THR B 191 -13.56 16.64 8.45
CA THR B 191 -12.74 17.01 9.62
C THR B 191 -12.34 15.71 10.37
N SER B 192 -13.32 14.83 10.59
CA SER B 192 -13.07 13.58 11.29
CA SER B 192 -13.08 13.59 11.32
C SER B 192 -12.04 12.70 10.60
N LYS B 193 -12.22 12.51 9.28
CA LYS B 193 -11.33 11.66 8.48
C LYS B 193 -9.97 12.30 8.24
N GLY B 194 -9.95 13.61 7.96
CA GLY B 194 -8.70 14.34 7.79
C GLY B 194 -7.90 14.30 9.09
N GLY B 195 -8.61 14.45 10.22
CA GLY B 195 -7.97 14.34 11.54
C GLY B 195 -7.44 12.95 11.84
N ALA B 196 -8.22 11.91 11.51
CA ALA B 196 -7.82 10.51 11.78
C ALA B 196 -6.55 10.13 11.01
N ASP B 197 -6.36 10.60 9.75
CA ASP B 197 -5.12 10.34 9.01
C ASP B 197 -3.91 10.90 9.76
N LEU B 198 -4.05 12.09 10.34
CA LEU B 198 -2.95 12.71 11.09
C LEU B 198 -2.79 12.06 12.44
N MET B 199 -3.90 11.60 13.02
CA MET B 199 -3.82 10.88 14.30
C MET B 199 -2.97 9.62 14.08
N VAL B 200 -3.19 8.93 12.93
CA VAL B 200 -2.49 7.69 12.57
C VAL B 200 -0.98 7.98 12.45
N SER B 201 -0.60 9.05 11.72
CA SER B 201 0.80 9.40 11.54
C SER B 201 1.46 9.74 12.87
N SER B 202 0.71 10.43 13.76
CA SER B 202 1.22 10.80 15.10
C SER B 202 1.32 9.56 16.01
N MET B 203 0.36 8.63 15.91
CA MET B 203 0.41 7.37 16.69
C MET B 203 1.63 6.54 16.29
N ALA B 204 1.99 6.52 14.98
CA ALA B 204 3.19 5.82 14.52
C ALA B 204 4.43 6.46 15.17
N CYS B 205 4.47 7.81 15.24
CA CYS B 205 5.56 8.54 15.92
C CYS B 205 5.61 8.16 17.41
N ASP B 206 4.44 7.94 18.03
CA ASP B 206 4.40 7.57 19.46
C ASP B 206 4.75 6.12 19.73
N LEU B 207 4.42 5.22 18.81
CA LEU B 207 4.50 3.78 19.10
C LEU B 207 5.44 2.90 18.30
N SER B 208 5.68 3.22 17.03
CA SER B 208 6.37 2.26 16.16
C SER B 208 7.81 1.92 16.53
N ALA B 209 8.66 2.95 16.77
CA ALA B 209 10.08 2.70 17.09
C ALA B 209 10.28 2.01 18.44
N LYS B 210 9.57 2.47 19.46
CA LYS B 210 9.72 1.95 20.83
C LYS B 210 9.04 0.61 21.07
N TYR B 211 7.84 0.40 20.51
CA TYR B 211 7.03 -0.79 20.81
C TYR B 211 6.78 -1.76 19.65
N GLY B 212 7.23 -1.44 18.44
CA GLY B 212 7.02 -2.34 17.30
C GLY B 212 5.56 -2.43 16.89
N ILE B 213 4.77 -1.36 17.14
CA ILE B 213 3.37 -1.34 16.74
C ILE B 213 3.28 -0.48 15.49
N ASN B 214 2.95 -1.08 14.34
CA ASN B 214 2.77 -0.31 13.10
C ASN B 214 1.36 0.25 13.07
N VAL B 215 1.20 1.51 12.63
CA VAL B 215 -0.12 2.17 12.59
C VAL B 215 -0.29 2.80 11.23
N ASN B 216 -1.27 2.34 10.46
CA ASN B 216 -1.50 2.86 9.12
C ASN B 216 -2.98 3.04 8.88
N SER B 217 -3.32 3.86 7.91
CA SER B 217 -4.71 3.99 7.51
C SER B 217 -4.86 3.60 6.04
N ILE B 218 -6.10 3.26 5.64
CA ILE B 218 -6.46 3.02 4.23
C ILE B 218 -7.55 4.03 3.94
N CYS B 219 -7.50 4.62 2.72
CA CYS B 219 -8.37 5.72 2.31
C CYS B 219 -9.21 5.25 1.14
N PRO B 220 -10.36 4.60 1.40
CA PRO B 220 -11.17 4.11 0.30
C PRO B 220 -12.04 5.14 -0.41
N THR B 221 -12.36 4.82 -1.67
CA THR B 221 -13.38 5.53 -2.43
C THR B 221 -14.71 4.85 -2.00
N VAL B 222 -15.83 5.28 -2.57
N VAL B 222 -15.81 5.32 -2.60
CA VAL B 222 -17.15 4.76 -2.23
CA VAL B 222 -17.17 4.81 -2.36
C VAL B 222 -17.40 3.31 -2.73
C VAL B 222 -17.19 3.33 -2.71
N PHE B 223 -18.38 2.63 -2.10
N PHE B 223 -17.71 2.54 -1.79
CA PHE B 223 -18.78 1.28 -2.51
CA PHE B 223 -17.85 1.12 -2.01
C PHE B 223 -19.98 1.39 -3.47
C PHE B 223 -19.22 0.65 -1.63
N ARG B 224 -19.94 0.59 -4.55
N ARG B 224 -19.61 -0.54 -2.12
CA ARG B 224 -20.99 0.49 -5.57
CA ARG B 224 -20.93 -1.13 -1.91
C ARG B 224 -22.40 0.36 -4.96
C ARG B 224 -21.26 -1.41 -0.45
N SER B 225 -22.55 -0.57 -3.97
N SER B 225 -22.35 -0.76 0.05
CA SER B 225 -23.82 -0.83 -3.30
CA SER B 225 -22.93 -0.91 1.38
C SER B 225 -24.42 0.39 -2.61
C SER B 225 -24.45 -0.73 1.23
N ASP B 226 -23.57 1.33 -2.13
N ASP B 226 -25.21 -0.90 2.33
CA ASP B 226 -24.05 2.54 -1.46
CA ASP B 226 -26.65 -0.70 2.30
C ASP B 226 -24.65 3.58 -2.42
C ASP B 226 -26.98 0.76 1.97
N LEU B 227 -24.40 3.45 -3.75
N LEU B 227 -26.11 1.71 2.38
CA LEU B 227 -24.92 4.36 -4.78
CA LEU B 227 -26.31 3.15 2.16
C LEU B 227 -26.09 3.81 -5.63
C LEU B 227 -25.98 3.62 0.73
N THR B 228 -26.45 2.52 -5.43
N THR B 228 -25.02 2.95 0.05
CA THR B 228 -27.47 1.79 -6.20
CA THR B 228 -24.57 3.32 -1.30
C THR B 228 -28.91 2.35 -6.12
C THR B 228 -25.12 2.42 -2.43
N GLU B 229 -29.34 2.96 -5.00
N GLU B 229 -25.76 1.29 -2.07
CA GLU B 229 -30.73 3.41 -4.87
CA GLU B 229 -26.35 0.28 -2.98
C GLU B 229 -31.15 4.53 -5.84
C GLU B 229 -27.10 0.90 -4.19
N TRP B 230 -30.46 5.71 -5.88
N TRP B 230 -27.77 2.05 -3.98
CA TRP B 230 -30.85 6.74 -6.84
CA TRP B 230 -28.56 2.78 -4.96
C TRP B 230 -29.89 6.75 -8.07
C TRP B 230 -27.74 3.31 -6.16
N MET B 231 -29.41 5.55 -8.44
N MET B 231 -26.42 3.52 -5.99
CA MET B 231 -28.54 5.26 -9.58
CA MET B 231 -25.50 4.02 -7.02
C MET B 231 -29.33 5.44 -10.88
C MET B 231 -24.96 2.93 -7.94
N PHE B 232 -30.63 5.09 -10.84
N PHE B 232 -25.10 1.66 -7.54
CA PHE B 232 -31.55 5.17 -11.97
CA PHE B 232 -24.40 0.53 -8.13
C PHE B 232 -32.19 6.58 -12.11
C PHE B 232 -25.00 -0.08 -9.42
N ASP B 233 -31.82 7.53 -11.21
N ASP B 233 -25.98 0.58 -10.06
CA ASP B 233 -32.34 8.90 -11.20
CA ASP B 233 -26.48 0.10 -11.36
C ASP B 233 -31.53 9.83 -12.12
C ASP B 233 -25.44 0.58 -12.39
N PRO B 234 -32.07 10.26 -13.29
N PRO B 234 -24.71 -0.35 -13.06
CA PRO B 234 -31.30 11.13 -14.20
CA PRO B 234 -23.67 0.07 -14.01
C PRO B 234 -30.94 12.49 -13.60
C PRO B 234 -24.19 0.97 -15.12
N GLU B 235 -31.73 12.95 -12.61
N GLU B 235 -25.49 0.83 -15.41
CA GLU B 235 -31.51 14.21 -11.90
CA GLU B 235 -26.20 1.61 -16.40
C GLU B 235 -30.27 14.16 -10.99
C GLU B 235 -27.08 2.71 -15.72
N SER B 236 -29.78 12.95 -10.72
N SER B 236 -26.50 3.42 -14.73
CA SER B 236 -28.61 12.73 -9.84
CA SER B 236 -27.19 4.51 -14.03
C SER B 236 -27.34 12.53 -10.64
C SER B 236 -26.43 5.83 -14.18
N ALA B 237 -26.29 13.25 -10.25
N ALA B 237 -27.13 6.95 -13.91
CA ALA B 237 -24.99 13.16 -10.90
CA ALA B 237 -26.60 8.32 -14.01
C ALA B 237 -24.00 12.42 -10.02
C ALA B 237 -25.65 8.73 -12.87
N VAL B 238 -24.42 11.97 -8.82
N VAL B 238 -25.92 8.28 -11.65
CA VAL B 238 -23.53 11.30 -7.88
CA VAL B 238 -25.10 8.59 -10.47
C VAL B 238 -22.83 10.13 -8.54
C VAL B 238 -23.76 7.86 -10.53
N TYR B 239 -23.60 9.14 -9.04
N TYR B 239 -23.70 6.75 -11.31
CA TYR B 239 -23.06 7.94 -9.69
CA TYR B 239 -22.51 5.93 -11.53
C TYR B 239 -22.08 8.26 -10.81
C TYR B 239 -21.64 6.76 -12.52
N GLN B 240 -22.41 9.22 -11.71
N GLN B 240 -21.44 8.10 -12.23
CA GLN B 240 -21.52 9.62 -12.81
CA GLN B 240 -20.68 9.05 -13.08
C GLN B 240 -20.26 10.41 -12.34
C GLN B 240 -19.87 10.16 -12.38
N ASN B 241 -20.42 11.31 -11.33
N ASN B 241 -20.41 10.91 -11.39
CA ASN B 241 -19.32 12.11 -10.77
CA ASN B 241 -19.59 11.96 -10.72
C ASN B 241 -18.18 11.22 -10.29
C ASN B 241 -18.34 11.31 -10.14
N PHE B 242 -18.54 10.09 -9.62
CA PHE B 242 -17.55 9.16 -9.10
C PHE B 242 -16.88 8.44 -10.30
N LEU B 243 -17.61 8.08 -11.35
CA LEU B 243 -17.00 7.33 -12.46
C LEU B 243 -16.03 8.12 -13.35
N LYS B 244 -16.31 9.42 -13.62
CA LYS B 244 -15.40 10.32 -14.34
C LYS B 244 -14.09 10.43 -13.55
N ARG B 245 -14.17 10.23 -12.21
CA ARG B 245 -13.02 10.36 -11.31
C ARG B 245 -12.48 9.02 -10.86
N GLU B 246 -12.81 7.92 -11.58
CA GLU B 246 -12.28 6.60 -11.23
C GLU B 246 -11.44 6.00 -12.36
N PRO B 247 -10.11 6.25 -12.39
CA PRO B 247 -9.24 5.61 -13.40
C PRO B 247 -9.34 4.08 -13.44
N ILE B 248 -9.62 3.42 -12.28
CA ILE B 248 -9.80 1.94 -12.25
C ILE B 248 -11.03 1.50 -13.12
N GLY B 249 -12.00 2.40 -13.31
CA GLY B 249 -13.10 2.12 -14.24
C GLY B 249 -14.36 1.51 -13.66
N ARG B 250 -14.44 1.45 -12.34
CA ARG B 250 -15.62 0.91 -11.65
C ARG B 250 -15.61 1.37 -10.22
N LEU B 251 -16.78 1.27 -9.58
CA LEU B 251 -16.91 1.56 -8.17
C LEU B 251 -16.40 0.33 -7.42
N ALA B 252 -16.05 0.52 -6.17
CA ALA B 252 -15.44 -0.52 -5.34
C ALA B 252 -16.45 -1.40 -4.65
N GLU B 253 -15.99 -2.60 -4.28
CA GLU B 253 -16.71 -3.53 -3.45
C GLU B 253 -15.87 -3.63 -2.18
N PRO B 254 -16.43 -3.93 -1.01
CA PRO B 254 -15.59 -4.11 0.20
C PRO B 254 -14.45 -5.13 0.04
N GLU B 255 -14.67 -6.22 -0.73
CA GLU B 255 -13.65 -7.24 -0.96
C GLU B 255 -12.39 -6.69 -1.67
N ASP B 256 -12.52 -5.53 -2.37
CA ASP B 256 -11.40 -4.87 -3.05
C ASP B 256 -10.33 -4.30 -2.07
N PHE B 257 -10.67 -4.22 -0.77
CA PHE B 257 -9.76 -3.67 0.25
C PHE B 257 -9.21 -4.71 1.21
N VAL B 258 -9.65 -5.96 1.04
CA VAL B 258 -9.18 -7.11 1.83
C VAL B 258 -7.65 -7.29 1.69
N GLY B 259 -7.15 -7.26 0.45
CA GLY B 259 -5.72 -7.40 0.19
C GLY B 259 -4.89 -6.36 0.92
N TYR B 260 -5.27 -5.08 0.78
CA TYR B 260 -4.55 -4.00 1.45
C TYR B 260 -4.59 -4.14 2.96
N ALA B 261 -5.78 -4.42 3.53
CA ALA B 261 -5.87 -4.56 4.98
C ALA B 261 -5.00 -5.73 5.50
N LEU B 262 -5.05 -6.90 4.85
CA LEU B 262 -4.24 -8.06 5.27
C LEU B 262 -2.75 -7.81 5.07
N PHE B 263 -2.41 -7.11 3.97
CA PHE B 263 -1.02 -6.70 3.73
C PHE B 263 -0.49 -5.87 4.94
N LEU B 264 -1.26 -4.86 5.34
CA LEU B 264 -0.92 -3.97 6.48
C LEU B 264 -1.04 -4.63 7.85
N SER B 265 -1.53 -5.89 7.89
CA SER B 265 -1.70 -6.66 9.13
C SER B 265 -0.67 -7.80 9.22
N SER B 266 0.28 -7.88 8.27
CA SER B 266 1.24 -8.99 8.19
C SER B 266 2.71 -8.52 8.16
N ASP B 267 3.66 -9.48 8.27
CA ASP B 267 5.10 -9.19 8.23
C ASP B 267 5.56 -8.51 6.96
N ALA B 268 4.82 -8.68 5.84
CA ALA B 268 5.11 -8.13 4.51
C ALA B 268 5.16 -6.59 4.56
N SER B 269 4.51 -5.96 5.57
CA SER B 269 4.47 -4.48 5.72
C SER B 269 5.20 -4.01 7.01
N ASN B 270 6.13 -4.84 7.55
CA ASN B 270 6.84 -4.49 8.80
C ASN B 270 7.53 -3.14 8.81
N TYR B 271 7.96 -2.62 7.64
CA TYR B 271 8.65 -1.32 7.62
C TYR B 271 7.63 -0.15 7.45
N ILE B 272 6.39 -0.47 7.07
CA ILE B 272 5.35 0.51 6.74
C ILE B 272 4.63 1.01 7.97
N THR B 273 4.78 2.30 8.29
CA THR B 273 4.07 2.86 9.44
C THR B 273 3.77 4.33 9.19
N GLY B 274 2.71 4.83 9.79
CA GLY B 274 2.28 6.22 9.67
C GLY B 274 1.78 6.58 8.28
N ALA B 275 1.53 5.56 7.42
CA ALA B 275 1.07 5.81 6.04
C ALA B 275 -0.45 5.95 5.97
N ASN B 276 -0.94 6.74 4.99
CA ASN B 276 -2.37 6.91 4.70
C ASN B 276 -2.51 6.36 3.28
N CYS B 277 -2.80 5.05 3.20
CA CYS B 277 -2.75 4.32 1.94
C CYS B 277 -3.90 4.64 1.02
N ASP B 278 -3.57 4.83 -0.24
CA ASP B 278 -4.53 5.18 -1.29
C ASP B 278 -5.35 3.96 -1.77
N CYS B 279 -6.62 3.88 -1.37
CA CYS B 279 -7.57 2.83 -1.81
C CYS B 279 -8.69 3.49 -2.63
N SER B 280 -8.34 4.52 -3.38
CA SER B 280 -9.30 5.31 -4.13
C SER B 280 -9.55 4.88 -5.58
N GLY B 281 -8.76 3.93 -6.09
CA GLY B 281 -8.86 3.50 -7.49
C GLY B 281 -8.44 4.57 -8.48
N GLY B 282 -7.64 5.53 -8.00
CA GLY B 282 -7.14 6.66 -8.79
C GLY B 282 -7.87 7.96 -8.59
N TYR B 283 -8.97 7.95 -7.80
CA TYR B 283 -9.72 9.17 -7.51
C TYR B 283 -8.79 10.23 -6.88
N LEU B 284 -7.88 9.80 -6.02
CA LEU B 284 -6.97 10.75 -5.36
C LEU B 284 -5.88 11.33 -6.28
N THR B 285 -5.56 10.62 -7.35
CA THR B 285 -4.46 11.04 -8.22
C THR B 285 -4.89 11.45 -9.64
N CYS B 286 -6.15 11.89 -9.84
CA CYS B 286 -6.58 12.38 -11.15
C CYS B 286 -7.50 13.61 -10.98
#